data_9F3V
#
_entry.id   9F3V
#
_cell.length_a   54.824
_cell.length_b   90.750
_cell.length_c   137.976
_cell.angle_alpha   90.000
_cell.angle_beta   90.000
_cell.angle_gamma   90.000
#
_symmetry.space_group_name_H-M   'P 21 21 21'
#
loop_
_entity.id
_entity.type
_entity.pdbx_description
1 polymer 'Receptor-interacting serine/threonine-protein kinase 2'
2 non-polymer N-[2,4-bis(chloranyl)-5-methoxy-phenyl]-7-[2-(diethylamino)ethoxy]-6-methoxy-quinazolin-4-amine
3 water water
#
_entity_poly.entity_id   1
_entity_poly.type   'polypeptide(L)'
_entity_poly.pdbx_seq_one_letter_code
;GAMAMNGEAICSALPTIPYHKLADLRYLSRGASGTVSSARHADWRVQVAVKHLHIHTPLLDSERKDVLREAEILHKARFS
YILPILGICNEPEFLGIVTEYMPNGSLNELLHRKTEYPDVAWPLRFRILHEIALGVNYLHNMTPPLLHHDLKTQNILLDN
EFHVKIADFGLSKWRMMSLSQSRSSKSAPEGGTIIYMPPENYEPGQKSRASIKHDIYSYAVITWEVLSRKQPFEDVTNPL
QIMYSVSQGHRPVINEESLPYDIPHRARMISLIESGWAQNPDERPSFLKCLIELEPVLRTFEEITFLEAVIQLKKTKLQS
;
_entity_poly.pdbx_strand_id   A,B
#
loop_
_chem_comp.id
_chem_comp.type
_chem_comp.name
_chem_comp.formula
A1H90 non-polymer N-[2,4-bis(chloranyl)-5-methoxy-phenyl]-7-[2-(diethylamino)ethoxy]-6-methoxy-quinazolin-4-amine 'C22 H26 Cl2 N4 O3'
#
# COMPACT_ATOMS: atom_id res chain seq x y z
N ALA A 13 -1.93 -11.15 -17.10
CA ALA A 13 -3.41 -11.10 -17.16
C ALA A 13 -3.93 -10.07 -16.16
N LEU A 14 -3.99 -8.80 -16.58
CA LEU A 14 -4.57 -7.74 -15.76
C LEU A 14 -6.09 -7.94 -15.67
N PRO A 15 -6.67 -8.01 -14.44
CA PRO A 15 -8.10 -8.28 -14.27
C PRO A 15 -9.01 -7.33 -15.04
N THR A 16 -10.06 -7.88 -15.67
CA THR A 16 -11.09 -7.06 -16.28
C THR A 16 -12.13 -6.73 -15.21
N ILE A 17 -12.60 -5.49 -15.21
CA ILE A 17 -13.62 -5.05 -14.28
C ILE A 17 -14.80 -4.53 -15.10
N PRO A 18 -15.99 -5.17 -15.03
CA PRO A 18 -17.17 -4.68 -15.74
C PRO A 18 -17.47 -3.27 -15.26
N TYR A 19 -17.77 -2.37 -16.21
CA TYR A 19 -18.04 -0.98 -15.90
C TYR A 19 -19.22 -0.87 -14.93
N HIS A 20 -20.16 -1.83 -15.01
CA HIS A 20 -21.37 -1.80 -14.20
C HIS A 20 -21.06 -2.01 -12.70
N LYS A 21 -19.85 -2.48 -12.37
CA LYS A 21 -19.46 -2.67 -10.98
C LYS A 21 -19.07 -1.35 -10.32
N LEU A 22 -18.84 -0.30 -11.13
CA LEU A 22 -18.47 1.00 -10.59
C LEU A 22 -19.70 1.88 -10.51
N ALA A 23 -19.85 2.59 -9.38
CA ALA A 23 -21.05 3.41 -9.17
C ALA A 23 -20.64 4.69 -8.46
N ASP A 24 -21.58 5.64 -8.47
CA ASP A 24 -21.43 6.93 -7.84
C ASP A 24 -20.14 7.61 -8.30
N LEU A 25 -19.98 7.74 -9.63
CA LEU A 25 -18.84 8.44 -10.19
C LEU A 25 -18.90 9.92 -9.78
N ARG A 26 -17.76 10.44 -9.32
CA ARG A 26 -17.59 11.85 -9.02
C ARG A 26 -16.32 12.36 -9.70
N TYR A 27 -16.39 13.56 -10.28
CA TYR A 27 -15.29 14.17 -11.01
C TYR A 27 -14.09 14.35 -10.08
N LEU A 28 -12.89 14.05 -10.60
CA LEU A 28 -11.66 14.36 -9.90
C LEU A 28 -10.79 15.29 -10.75
N SER A 29 -10.58 14.93 -12.01
CA SER A 29 -9.76 15.73 -12.90
C SER A 29 -10.20 15.53 -14.35
N ARG A 30 -9.89 16.54 -15.17
CA ARG A 30 -10.14 16.51 -16.60
C ARG A 30 -8.86 16.97 -17.30
N GLY A 31 -8.13 16.00 -17.86
CA GLY A 31 -6.94 16.28 -18.64
C GLY A 31 -7.18 15.93 -20.11
N ALA A 32 -6.14 16.15 -20.92
CA ALA A 32 -6.17 15.81 -22.33
C ALA A 32 -6.24 14.30 -22.52
N SER A 33 -5.61 13.55 -21.62
CA SER A 33 -5.49 12.10 -21.73
C SER A 33 -6.78 11.40 -21.36
N GLY A 34 -7.63 12.04 -20.53
CA GLY A 34 -8.90 11.46 -20.14
C GLY A 34 -9.50 12.12 -18.89
N THR A 35 -10.76 11.79 -18.59
CA THR A 35 -11.38 12.19 -17.34
C THR A 35 -11.07 11.15 -16.27
N VAL A 36 -10.85 11.62 -15.04
CA VAL A 36 -10.67 10.75 -13.89
C VAL A 36 -11.82 11.02 -12.91
N SER A 37 -12.44 9.94 -12.44
CA SER A 37 -13.49 10.02 -11.45
C SER A 37 -13.23 9.03 -10.32
N SER A 38 -13.69 9.40 -9.11
CA SER A 38 -13.80 8.44 -8.03
C SER A 38 -15.07 7.62 -8.26
N ALA A 39 -15.08 6.42 -7.73
CA ALA A 39 -16.20 5.51 -7.89
C ALA A 39 -16.17 4.52 -6.73
N ARG A 40 -17.31 3.85 -6.51
CA ARG A 40 -17.38 2.80 -5.51
C ARG A 40 -17.54 1.48 -6.25
N HIS A 41 -16.63 0.53 -5.96
CA HIS A 41 -16.69 -0.81 -6.52
C HIS A 41 -17.72 -1.58 -5.71
N ALA A 42 -18.70 -2.16 -6.42
CA ALA A 42 -19.87 -2.74 -5.77
C ALA A 42 -19.48 -3.92 -4.88
N ASP A 43 -18.56 -4.75 -5.37
CA ASP A 43 -18.20 -6.00 -4.70
C ASP A 43 -17.15 -5.78 -3.62
N TRP A 44 -16.18 -4.89 -3.85
CA TRP A 44 -15.05 -4.71 -2.95
C TRP A 44 -15.40 -3.76 -1.82
N ARG A 45 -16.42 -2.93 -2.04
CA ARG A 45 -16.90 -1.97 -1.05
C ARG A 45 -15.80 -1.00 -0.65
N VAL A 46 -15.01 -0.56 -1.63
CA VAL A 46 -14.06 0.51 -1.43
C VAL A 46 -14.18 1.50 -2.59
N GLN A 47 -13.64 2.70 -2.37
CA GLN A 47 -13.42 3.71 -3.38
C GLN A 47 -12.28 3.27 -4.30
N VAL A 48 -12.45 3.54 -5.59
CA VAL A 48 -11.43 3.36 -6.61
C VAL A 48 -11.41 4.62 -7.46
N ALA A 49 -10.44 4.73 -8.36
CA ALA A 49 -10.40 5.80 -9.34
C ALA A 49 -10.40 5.17 -10.73
N VAL A 50 -11.08 5.84 -11.67
CA VAL A 50 -11.19 5.35 -13.03
C VAL A 50 -10.86 6.50 -13.97
N LYS A 51 -9.94 6.21 -14.90
CA LYS A 51 -9.58 7.16 -15.95
C LYS A 51 -10.26 6.73 -17.25
N HIS A 52 -11.18 7.58 -17.73
CA HIS A 52 -11.85 7.37 -19.01
C HIS A 52 -10.91 7.86 -20.11
N LEU A 53 -10.25 6.92 -20.80
CA LEU A 53 -9.30 7.23 -21.84
C LEU A 53 -10.04 7.79 -23.06
N LEU A 60 -12.03 1.01 -32.50
CA LEU A 60 -11.13 0.20 -33.35
C LEU A 60 -10.41 -0.85 -32.50
N ASP A 61 -10.15 -2.02 -33.09
CA ASP A 61 -9.56 -3.14 -32.39
C ASP A 61 -8.05 -2.99 -32.30
N SER A 62 -7.45 -2.27 -33.27
CA SER A 62 -6.01 -2.04 -33.28
C SER A 62 -5.62 -1.13 -32.11
N GLU A 63 -6.47 -0.16 -31.77
CA GLU A 63 -6.16 0.80 -30.72
C GLU A 63 -6.47 0.18 -29.36
N ARG A 64 -7.54 -0.64 -29.29
CA ARG A 64 -7.94 -1.29 -28.06
C ARG A 64 -6.84 -2.27 -27.62
N LYS A 65 -6.32 -3.06 -28.57
CA LYS A 65 -5.27 -4.00 -28.30
C LYS A 65 -4.01 -3.28 -27.82
N ASP A 66 -3.70 -2.12 -28.42
CA ASP A 66 -2.54 -1.33 -28.08
C ASP A 66 -2.69 -0.71 -26.69
N VAL A 67 -3.92 -0.36 -26.28
CA VAL A 67 -4.17 0.24 -24.98
C VAL A 67 -4.09 -0.83 -23.88
N LEU A 68 -4.51 -2.06 -24.21
CA LEU A 68 -4.40 -3.18 -23.29
C LEU A 68 -2.94 -3.56 -23.08
N ARG A 69 -2.17 -3.67 -24.18
CA ARG A 69 -0.76 -3.99 -24.14
C ARG A 69 0.00 -2.98 -23.27
N GLU A 70 -0.33 -1.69 -23.41
CA GLU A 70 0.34 -0.62 -22.68
C GLU A 70 0.05 -0.78 -21.19
N ALA A 71 -1.18 -1.15 -20.84
CA ALA A 71 -1.61 -1.21 -19.45
C ALA A 71 -1.13 -2.48 -18.77
N GLU A 72 -0.92 -3.56 -19.55
CA GLU A 72 -0.45 -4.83 -18.99
C GLU A 72 1.06 -4.75 -18.70
N ILE A 73 1.74 -3.84 -19.41
CA ILE A 73 3.14 -3.54 -19.13
C ILE A 73 3.26 -2.86 -17.78
N LEU A 74 2.28 -2.01 -17.44
CA LEU A 74 2.29 -1.24 -16.20
C LEU A 74 1.93 -2.15 -15.03
N HIS A 75 1.25 -3.27 -15.32
CA HIS A 75 0.85 -4.27 -14.34
C HIS A 75 2.07 -4.93 -13.69
N LYS A 76 3.20 -4.97 -14.40
CA LYS A 76 4.41 -5.60 -13.89
C LYS A 76 4.98 -4.77 -12.72
N ALA A 77 4.79 -3.46 -12.77
CA ALA A 77 5.32 -2.55 -11.78
C ALA A 77 4.58 -2.72 -10.46
N ARG A 78 5.26 -3.27 -9.46
CA ARG A 78 4.65 -3.44 -8.15
C ARG A 78 5.64 -2.91 -7.12
N PHE A 79 5.25 -1.83 -6.46
CA PHE A 79 6.14 -1.14 -5.55
C PHE A 79 5.28 -0.17 -4.74
N SER A 80 5.71 0.09 -3.51
CA SER A 80 4.93 0.84 -2.55
C SER A 80 4.64 2.27 -3.00
N TYR A 81 5.52 2.82 -3.87
CA TYR A 81 5.43 4.23 -4.23
C TYR A 81 4.90 4.38 -5.66
N ILE A 82 4.35 3.31 -6.22
CA ILE A 82 3.73 3.33 -7.55
C ILE A 82 2.24 3.02 -7.38
N LEU A 83 1.39 3.85 -7.99
CA LEU A 83 -0.06 3.66 -7.91
C LEU A 83 -0.42 2.30 -8.49
N PRO A 84 -0.98 1.38 -7.69
CA PRO A 84 -1.47 0.09 -8.21
C PRO A 84 -2.63 0.24 -9.17
N ILE A 85 -2.51 -0.42 -10.33
CA ILE A 85 -3.61 -0.61 -11.26
C ILE A 85 -4.37 -1.88 -10.87
N LEU A 86 -5.67 -1.73 -10.57
CA LEU A 86 -6.49 -2.81 -10.04
C LEU A 86 -7.15 -3.59 -11.18
N GLY A 87 -7.44 -2.92 -12.30
CA GLY A 87 -7.92 -3.61 -13.48
C GLY A 87 -8.20 -2.65 -14.64
N ILE A 88 -8.80 -3.22 -15.69
CA ILE A 88 -9.17 -2.48 -16.89
C ILE A 88 -10.67 -2.63 -17.09
N CYS A 89 -11.34 -1.51 -17.39
CA CYS A 89 -12.69 -1.56 -17.94
C CYS A 89 -12.58 -1.73 -19.44
N ASN A 90 -12.93 -2.94 -19.92
CA ASN A 90 -12.73 -3.34 -21.28
C ASN A 90 -14.09 -3.34 -21.98
N GLU A 91 -14.66 -2.15 -22.18
CA GLU A 91 -15.99 -2.03 -22.74
C GLU A 91 -15.85 -1.86 -24.25
N PRO A 92 -16.92 -2.06 -25.05
CA PRO A 92 -16.82 -1.96 -26.51
C PRO A 92 -16.45 -0.56 -27.00
N GLU A 93 -17.06 0.47 -26.39
CA GLU A 93 -16.90 1.85 -26.83
C GLU A 93 -16.12 2.65 -25.79
N PHE A 94 -15.65 1.99 -24.72
CA PHE A 94 -15.15 2.67 -23.53
C PHE A 94 -13.98 1.88 -22.97
N LEU A 95 -12.80 2.52 -22.91
CA LEU A 95 -11.66 1.96 -22.22
C LEU A 95 -11.38 2.77 -20.95
N GLY A 96 -11.03 2.06 -19.88
CA GLY A 96 -10.87 2.67 -18.57
C GLY A 96 -9.85 1.92 -17.72
N ILE A 97 -8.95 2.68 -17.08
CA ILE A 97 -7.99 2.12 -16.14
C ILE A 97 -8.56 2.39 -14.75
N VAL A 98 -8.54 1.35 -13.89
CA VAL A 98 -8.99 1.45 -12.52
C VAL A 98 -7.79 1.30 -11.58
N THR A 99 -7.67 2.21 -10.62
CA THR A 99 -6.59 2.18 -9.67
C THR A 99 -7.15 2.35 -8.26
N GLU A 100 -6.27 2.19 -7.27
CA GLU A 100 -6.59 2.61 -5.93
C GLU A 100 -6.95 4.08 -5.96
N TYR A 101 -7.81 4.48 -5.02
CA TYR A 101 -8.20 5.86 -4.83
C TYR A 101 -7.25 6.47 -3.81
N MET A 102 -6.72 7.64 -4.16
CA MET A 102 -5.76 8.34 -3.33
C MET A 102 -6.49 9.50 -2.65
N PRO A 103 -6.93 9.33 -1.37
CA PRO A 103 -7.83 10.31 -0.75
C PRO A 103 -7.34 11.74 -0.71
N ASN A 104 -6.02 11.96 -0.76
CA ASN A 104 -5.49 13.29 -0.58
C ASN A 104 -5.02 13.88 -1.90
N GLY A 105 -5.35 13.24 -3.03
CA GLY A 105 -5.18 13.88 -4.33
C GLY A 105 -3.71 14.04 -4.71
N SER A 106 -3.41 15.12 -5.45
CA SER A 106 -2.15 15.25 -6.15
C SER A 106 -1.20 16.16 -5.38
N LEU A 107 0.10 16.00 -5.64
CA LEU A 107 1.12 16.86 -5.06
C LEU A 107 0.84 18.32 -5.47
N ASN A 108 0.31 18.51 -6.68
CA ASN A 108 0.04 19.86 -7.18
C ASN A 108 -0.97 20.55 -6.28
N GLU A 109 -2.03 19.84 -5.87
CA GLU A 109 -3.04 20.43 -5.02
C GLU A 109 -2.44 20.82 -3.67
N LEU A 110 -1.58 19.98 -3.11
CA LEU A 110 -1.00 20.23 -1.80
C LEU A 110 -0.09 21.47 -1.85
N LEU A 111 0.67 21.62 -2.92
CA LEU A 111 1.67 22.67 -3.02
C LEU A 111 1.01 24.03 -3.22
N HIS A 112 -0.09 24.08 -3.98
CA HIS A 112 -0.60 25.34 -4.52
C HIS A 112 -1.90 25.80 -3.88
N ARG A 113 -2.61 24.92 -3.15
CA ARG A 113 -3.81 25.34 -2.45
C ARG A 113 -3.45 25.80 -1.04
N LYS A 114 -3.11 27.09 -0.91
CA LYS A 114 -2.43 27.60 0.27
C LYS A 114 -3.44 28.09 1.32
N THR A 115 -4.71 28.28 0.94
CA THR A 115 -5.71 28.52 1.95
C THR A 115 -5.98 27.19 2.65
N GLU A 116 -6.16 26.12 1.87
CA GLU A 116 -6.42 24.80 2.41
C GLU A 116 -5.21 24.31 3.23
N TYR A 117 -4.01 24.55 2.72
CA TYR A 117 -2.78 24.02 3.29
C TYR A 117 -1.77 25.14 3.53
N PRO A 118 -2.00 26.04 4.51
CA PRO A 118 -1.09 27.15 4.76
C PRO A 118 0.33 26.71 5.10
N ASP A 119 0.46 25.56 5.77
CA ASP A 119 1.75 25.01 6.11
C ASP A 119 1.86 23.59 5.58
N VAL A 120 3.02 23.29 5.00
CA VAL A 120 3.44 21.93 4.73
C VAL A 120 4.84 21.80 5.30
N ALA A 121 4.94 21.14 6.46
CA ALA A 121 6.18 21.12 7.23
C ALA A 121 7.29 20.46 6.41
N TRP A 122 8.51 20.92 6.62
CA TRP A 122 9.66 20.51 5.83
C TRP A 122 9.84 18.99 5.83
N PRO A 123 9.72 18.31 6.99
CA PRO A 123 9.94 16.87 7.03
C PRO A 123 9.05 16.13 6.04
N LEU A 124 7.79 16.58 5.95
CA LEU A 124 6.84 15.98 5.03
C LEU A 124 7.25 16.23 3.58
N ARG A 125 7.73 17.44 3.29
CA ARG A 125 8.14 17.75 1.94
C ARG A 125 9.29 16.86 1.51
N PHE A 126 10.27 16.66 2.40
CA PHE A 126 11.43 15.83 2.09
C PHE A 126 11.04 14.36 1.98
N ARG A 127 10.09 13.92 2.80
CA ARG A 127 9.61 12.55 2.68
C ARG A 127 8.99 12.34 1.29
N ILE A 128 8.19 13.32 0.84
CA ILE A 128 7.56 13.25 -0.47
C ILE A 128 8.65 13.13 -1.54
N LEU A 129 9.68 13.99 -1.45
CA LEU A 129 10.76 13.96 -2.43
C LEU A 129 11.47 12.61 -2.41
N HIS A 130 11.68 12.06 -1.21
CA HIS A 130 12.40 10.80 -1.08
C HIS A 130 11.60 9.68 -1.74
N GLU A 131 10.29 9.64 -1.45
CA GLU A 131 9.42 8.60 -1.96
C GLU A 131 9.27 8.71 -3.48
N ILE A 132 9.19 9.94 -4.01
CA ILE A 132 9.12 10.10 -5.46
C ILE A 132 10.34 9.44 -6.09
N ALA A 133 11.51 9.74 -5.53
CA ALA A 133 12.77 9.28 -6.10
C ALA A 133 12.90 7.76 -5.98
N LEU A 134 12.43 7.18 -4.85
CA LEU A 134 12.41 5.73 -4.71
C LEU A 134 11.52 5.12 -5.79
N GLY A 135 10.35 5.73 -6.03
CA GLY A 135 9.42 5.21 -7.01
C GLY A 135 9.99 5.22 -8.42
N VAL A 136 10.61 6.34 -8.79
CA VAL A 136 11.15 6.47 -10.14
C VAL A 136 12.37 5.57 -10.28
N ASN A 137 13.19 5.50 -9.23
CA ASN A 137 14.32 4.58 -9.20
C ASN A 137 13.86 3.16 -9.50
N TYR A 138 12.73 2.76 -8.90
CA TYR A 138 12.19 1.44 -9.15
C TYR A 138 11.86 1.29 -10.64
N LEU A 139 11.14 2.26 -11.21
CA LEU A 139 10.73 2.17 -12.62
C LEU A 139 11.98 2.08 -13.51
N HIS A 140 13.04 2.81 -13.14
CA HIS A 140 14.26 2.80 -13.95
C HIS A 140 15.00 1.47 -13.86
N ASN A 141 14.76 0.67 -12.81
CA ASN A 141 15.45 -0.61 -12.65
C ASN A 141 14.63 -1.78 -13.22
N MET A 142 13.46 -1.52 -13.77
CA MET A 142 12.66 -2.58 -14.37
C MET A 142 13.36 -3.13 -15.62
N THR A 143 13.03 -4.37 -15.98
CA THR A 143 13.55 -4.98 -17.20
C THR A 143 12.37 -5.39 -18.09
N PRO A 144 12.12 -4.71 -19.23
CA PRO A 144 12.86 -3.51 -19.63
C PRO A 144 12.38 -2.28 -18.87
N PRO A 145 13.07 -1.12 -18.98
CA PRO A 145 12.60 0.12 -18.36
C PRO A 145 11.40 0.70 -19.13
N LEU A 146 10.69 1.65 -18.52
CA LEU A 146 9.51 2.23 -19.16
C LEU A 146 9.94 3.10 -20.35
N LEU A 147 9.21 2.96 -21.47
CA LEU A 147 9.51 3.66 -22.71
C LEU A 147 8.96 5.09 -22.69
N HIS A 148 7.94 5.34 -21.87
CA HIS A 148 7.26 6.62 -21.83
C HIS A 148 7.43 7.26 -20.45
N HIS A 149 7.56 8.59 -20.44
CA HIS A 149 7.94 9.35 -19.27
C HIS A 149 7.15 10.66 -19.23
N ASP A 150 6.42 10.90 -18.13
CA ASP A 150 5.58 12.08 -18.05
C ASP A 150 5.41 12.52 -16.59
N LEU A 151 6.53 12.65 -15.86
CA LEU A 151 6.45 12.90 -14.43
C LEU A 151 6.05 14.36 -14.20
N LYS A 152 5.05 14.58 -13.35
CA LYS A 152 4.59 15.94 -13.05
C LYS A 152 3.89 15.92 -11.70
N THR A 153 3.64 17.10 -11.12
CA THR A 153 3.03 17.20 -9.81
C THR A 153 1.59 16.69 -9.85
N GLN A 154 0.98 16.65 -11.04
CA GLN A 154 -0.41 16.24 -11.21
C GLN A 154 -0.56 14.71 -11.14
N ASN A 155 0.51 13.96 -11.44
CA ASN A 155 0.40 12.50 -11.40
C ASN A 155 1.26 11.92 -10.27
N ILE A 156 1.62 12.76 -9.30
CA ILE A 156 2.17 12.32 -8.03
C ILE A 156 1.07 12.46 -6.98
N LEU A 157 0.56 11.32 -6.50
CA LEU A 157 -0.63 11.26 -5.68
C LEU A 157 -0.26 10.94 -4.24
N LEU A 158 -1.20 11.28 -3.34
CA LEU A 158 -0.98 11.27 -1.91
C LEU A 158 -2.08 10.44 -1.25
N ASP A 159 -1.68 9.43 -0.46
CA ASP A 159 -2.63 8.53 0.18
C ASP A 159 -3.10 9.19 1.48
N ASN A 160 -3.81 8.41 2.30
CA ASN A 160 -4.46 8.91 3.49
C ASN A 160 -3.45 9.47 4.50
N GLU A 161 -2.21 8.94 4.51
CA GLU A 161 -1.20 9.45 5.43
C GLU A 161 -0.12 10.23 4.67
N PHE A 162 -0.47 10.73 3.48
CA PHE A 162 0.38 11.59 2.67
C PHE A 162 1.67 10.90 2.26
N HIS A 163 1.59 9.58 2.01
CA HIS A 163 2.66 8.85 1.34
C HIS A 163 2.37 8.88 -0.15
N VAL A 164 3.45 8.82 -0.93
CA VAL A 164 3.40 9.06 -2.36
C VAL A 164 3.05 7.76 -3.09
N LYS A 165 2.21 7.89 -4.10
CA LYS A 165 2.11 6.92 -5.16
C LYS A 165 2.16 7.68 -6.49
N ILE A 166 3.11 7.30 -7.33
CA ILE A 166 3.31 7.95 -8.62
C ILE A 166 2.47 7.22 -9.66
N ALA A 167 1.86 7.98 -10.56
CA ALA A 167 1.08 7.42 -11.65
C ALA A 167 1.62 7.92 -12.99
N ASP A 168 2.96 8.01 -13.12
CA ASP A 168 3.60 8.50 -14.33
C ASP A 168 3.87 7.31 -15.26
N PHE A 169 2.79 6.77 -15.81
CA PHE A 169 2.86 5.59 -16.67
C PHE A 169 3.10 6.01 -18.12
N THR A 193 0.75 20.17 -19.89
CA THR A 193 1.79 21.00 -19.24
C THR A 193 3.17 20.68 -19.82
N ILE A 194 4.06 21.67 -19.85
CA ILE A 194 5.35 21.56 -20.53
C ILE A 194 6.48 21.97 -19.58
N ILE A 195 6.17 22.43 -18.36
CA ILE A 195 7.18 22.95 -17.47
C ILE A 195 8.09 21.84 -16.95
N TYR A 196 7.65 20.57 -17.01
CA TYR A 196 8.43 19.44 -16.53
C TYR A 196 9.21 18.75 -17.66
N MET A 197 9.10 19.29 -18.89
CA MET A 197 9.70 18.66 -20.06
C MET A 197 11.10 19.21 -20.31
N PRO A 198 12.12 18.36 -20.54
CA PRO A 198 13.48 18.83 -20.77
C PRO A 198 13.62 19.48 -22.15
N PRO A 199 14.60 20.39 -22.34
CA PRO A 199 14.75 21.15 -23.58
C PRO A 199 14.88 20.30 -24.84
N GLU A 200 15.53 19.15 -24.72
CA GLU A 200 15.79 18.30 -25.88
C GLU A 200 14.50 17.68 -26.40
N ASN A 201 13.37 17.83 -25.69
CA ASN A 201 12.09 17.33 -26.17
C ASN A 201 11.55 18.19 -27.31
N TYR A 202 11.88 19.49 -27.29
CA TYR A 202 11.41 20.39 -28.33
C TYR A 202 12.60 21.20 -28.84
N GLU A 203 13.41 20.56 -29.70
CA GLU A 203 14.69 21.10 -30.12
C GLU A 203 14.61 21.52 -31.59
N ALA A 210 18.98 11.05 -23.09
CA ALA A 210 17.86 11.95 -23.45
C ALA A 210 16.51 11.27 -23.15
N SER A 211 16.36 10.02 -23.61
CA SER A 211 15.22 9.19 -23.23
C SER A 211 15.35 8.78 -21.77
N ILE A 212 16.58 8.51 -21.36
CA ILE A 212 16.89 7.99 -20.03
C ILE A 212 17.15 9.14 -19.04
N LYS A 213 17.15 10.39 -19.54
CA LYS A 213 17.46 11.53 -18.69
C LYS A 213 16.28 12.50 -18.59
N HIS A 214 15.09 12.05 -18.99
CA HIS A 214 13.88 12.86 -18.97
C HIS A 214 13.39 13.03 -17.51
N ASP A 215 13.21 11.91 -16.78
CA ASP A 215 12.58 11.93 -15.47
C ASP A 215 13.34 12.78 -14.46
N ILE A 216 14.67 12.76 -14.51
CA ILE A 216 15.47 13.53 -13.56
C ILE A 216 15.27 15.03 -13.79
N TYR A 217 15.11 15.43 -15.05
CA TYR A 217 14.81 16.82 -15.38
C TYR A 217 13.48 17.21 -14.74
N SER A 218 12.46 16.37 -14.94
CA SER A 218 11.15 16.65 -14.38
C SER A 218 11.24 16.73 -12.86
N TYR A 219 12.00 15.81 -12.25
CA TYR A 219 12.18 15.72 -10.81
C TYR A 219 12.83 16.97 -10.23
N ALA A 220 13.84 17.50 -10.95
CA ALA A 220 14.49 18.75 -10.54
C ALA A 220 13.47 19.89 -10.47
N VAL A 221 12.61 20.01 -11.47
CA VAL A 221 11.58 21.05 -11.47
C VAL A 221 10.60 20.82 -10.33
N ILE A 222 10.18 19.56 -10.16
CA ILE A 222 9.27 19.18 -9.08
C ILE A 222 9.91 19.51 -7.73
N THR A 223 11.20 19.21 -7.57
CA THR A 223 11.89 19.50 -6.32
C THR A 223 11.83 21.01 -6.03
N TRP A 224 12.17 21.81 -7.06
CA TRP A 224 12.11 23.26 -6.97
C TRP A 224 10.72 23.70 -6.53
N GLU A 225 9.71 23.14 -7.18
CA GLU A 225 8.32 23.46 -6.90
C GLU A 225 7.95 23.08 -5.47
N VAL A 226 8.40 21.90 -4.99
CA VAL A 226 8.08 21.47 -3.64
C VAL A 226 8.70 22.43 -2.61
N LEU A 227 9.95 22.83 -2.82
CA LEU A 227 10.64 23.66 -1.84
C LEU A 227 10.18 25.12 -1.90
N SER A 228 9.68 25.58 -3.06
CA SER A 228 9.28 26.97 -3.24
C SER A 228 7.78 27.16 -3.00
N ARG A 229 6.98 26.15 -3.37
CA ARG A 229 5.53 26.27 -3.47
C ARG A 229 5.14 27.40 -4.43
N LYS A 230 6.00 27.65 -5.43
CA LYS A 230 5.72 28.64 -6.47
C LYS A 230 5.46 27.91 -7.79
N GLN A 231 4.74 28.57 -8.69
CA GLN A 231 4.52 28.02 -10.02
C GLN A 231 5.78 28.26 -10.85
N PRO A 232 6.45 27.23 -11.41
CA PRO A 232 7.59 27.47 -12.29
C PRO A 232 7.18 28.37 -13.46
N PHE A 233 8.01 29.39 -13.77
CA PHE A 233 7.77 30.30 -14.89
C PHE A 233 6.46 31.05 -14.74
N GLU A 234 6.10 31.47 -13.52
CA GLU A 234 4.76 32.01 -13.26
C GLU A 234 4.52 33.30 -14.06
N ASP A 235 5.57 34.10 -14.23
CA ASP A 235 5.49 35.38 -14.91
C ASP A 235 5.19 35.18 -16.40
N VAL A 236 5.76 34.13 -16.99
CA VAL A 236 5.66 33.88 -18.42
C VAL A 236 4.29 33.27 -18.75
N THR A 237 3.56 33.91 -19.66
CA THR A 237 2.18 33.56 -19.95
C THR A 237 2.03 32.89 -21.31
N ASN A 238 3.03 33.04 -22.18
CA ASN A 238 3.02 32.40 -23.49
C ASN A 238 3.82 31.10 -23.39
N PRO A 239 3.20 29.92 -23.60
CA PRO A 239 3.92 28.64 -23.50
C PRO A 239 5.12 28.57 -24.42
N LEU A 240 5.05 29.27 -25.57
CA LEU A 240 6.14 29.31 -26.52
C LEU A 240 7.36 29.99 -25.88
N GLN A 241 7.10 31.00 -25.05
CA GLN A 241 8.19 31.71 -24.39
C GLN A 241 8.85 30.78 -23.37
N ILE A 242 8.06 29.97 -22.67
CA ILE A 242 8.62 28.99 -21.75
C ILE A 242 9.51 28.02 -22.51
N MET A 243 8.99 27.45 -23.60
CA MET A 243 9.73 26.45 -24.35
C MET A 243 11.02 27.05 -24.88
N TYR A 244 10.92 28.25 -25.47
CA TYR A 244 12.07 28.91 -26.05
C TYR A 244 13.10 29.18 -24.95
N SER A 245 12.66 29.79 -23.85
CA SER A 245 13.54 30.11 -22.73
C SER A 245 14.29 28.86 -22.26
N VAL A 246 13.54 27.78 -22.03
CA VAL A 246 14.10 26.55 -21.51
C VAL A 246 15.14 26.02 -22.50
N SER A 247 14.82 26.03 -23.80
CA SER A 247 15.72 25.52 -24.82
C SER A 247 17.02 26.31 -24.85
N GLN A 248 16.99 27.56 -24.38
CA GLN A 248 18.18 28.40 -24.35
C GLN A 248 18.87 28.36 -22.99
N GLY A 249 18.39 27.49 -22.08
CA GLY A 249 19.11 27.26 -20.83
C GLY A 249 18.51 27.96 -19.61
N HIS A 250 17.41 28.69 -19.79
CA HIS A 250 16.73 29.32 -18.66
C HIS A 250 15.93 28.28 -17.90
N ARG A 251 15.77 28.55 -16.60
CA ARG A 251 15.18 27.62 -15.64
C ARG A 251 14.42 28.43 -14.61
N PRO A 252 13.56 27.81 -13.77
CA PRO A 252 12.93 28.53 -12.66
C PRO A 252 13.99 29.21 -11.80
N VAL A 253 13.63 30.35 -11.22
CA VAL A 253 14.59 31.25 -10.59
C VAL A 253 14.98 30.70 -9.22
N ILE A 254 16.27 30.80 -8.90
CA ILE A 254 16.81 30.36 -7.63
C ILE A 254 17.44 31.54 -6.91
N ASN A 255 16.78 32.01 -5.85
CA ASN A 255 17.21 33.19 -5.11
C ASN A 255 16.49 33.24 -3.78
N GLU A 256 16.69 34.33 -3.04
CA GLU A 256 16.17 34.46 -1.68
C GLU A 256 14.64 34.44 -1.69
N GLU A 257 14.04 34.83 -2.83
CA GLU A 257 12.59 34.94 -2.91
C GLU A 257 11.98 33.57 -3.23
N SER A 258 12.52 32.85 -4.22
CA SER A 258 11.91 31.59 -4.61
C SER A 258 12.15 30.53 -3.54
N LEU A 259 13.41 30.40 -3.10
CA LEU A 259 13.84 29.38 -2.16
C LEU A 259 14.39 30.06 -0.90
N PRO A 260 13.57 30.27 0.17
CA PRO A 260 14.03 30.99 1.36
C PRO A 260 15.25 30.36 2.03
N TYR A 261 15.97 31.19 2.80
CA TYR A 261 17.21 30.78 3.44
C TYR A 261 16.97 29.72 4.52
N ASP A 262 15.73 29.58 4.99
CA ASP A 262 15.43 28.66 6.08
C ASP A 262 15.15 27.23 5.59
N ILE A 263 15.27 26.97 4.28
CA ILE A 263 15.05 25.62 3.79
C ILE A 263 16.17 24.74 4.34
N PRO A 264 15.85 23.65 5.07
CA PRO A 264 16.85 22.66 5.47
C PRO A 264 17.67 22.13 4.30
N HIS A 265 18.99 22.09 4.51
CA HIS A 265 19.93 21.55 3.53
C HIS A 265 19.75 22.29 2.20
N ARG A 266 19.52 23.61 2.29
CA ARG A 266 19.23 24.44 1.14
C ARG A 266 20.30 24.25 0.05
N ALA A 267 21.57 24.21 0.46
CA ALA A 267 22.70 24.19 -0.47
C ALA A 267 22.74 22.88 -1.24
N ARG A 268 22.53 21.77 -0.52
CA ARG A 268 22.54 20.44 -1.15
C ARG A 268 21.37 20.33 -2.11
N MET A 269 20.21 20.88 -1.74
CA MET A 269 19.01 20.72 -2.54
C MET A 269 19.16 21.53 -3.82
N ILE A 270 19.66 22.77 -3.70
CA ILE A 270 19.91 23.62 -4.84
C ILE A 270 20.90 22.94 -5.79
N SER A 271 21.95 22.34 -5.23
CA SER A 271 22.93 21.62 -6.02
C SER A 271 22.27 20.48 -6.81
N LEU A 272 21.39 19.73 -6.14
CA LEU A 272 20.69 18.62 -6.77
C LEU A 272 19.76 19.12 -7.88
N ILE A 273 18.98 20.17 -7.61
CA ILE A 273 18.08 20.78 -8.59
C ILE A 273 18.85 21.17 -9.85
N GLU A 274 19.95 21.89 -9.67
CA GLU A 274 20.68 22.44 -10.81
C GLU A 274 21.35 21.33 -11.61
N SER A 275 21.77 20.26 -10.93
CA SER A 275 22.32 19.12 -11.66
C SER A 275 21.22 18.39 -12.42
N GLY A 276 20.06 18.23 -11.78
CA GLY A 276 18.97 17.49 -12.37
C GLY A 276 18.43 18.12 -13.66
N TRP A 277 18.39 19.45 -13.71
CA TRP A 277 17.85 20.12 -14.90
C TRP A 277 18.95 20.68 -15.81
N ALA A 278 20.16 20.11 -15.72
CA ALA A 278 21.26 20.52 -16.58
C ALA A 278 20.86 20.45 -18.05
N GLN A 279 21.31 21.46 -18.82
CA GLN A 279 21.02 21.56 -20.24
C GLN A 279 21.49 20.29 -20.94
N ASN A 280 22.71 19.87 -20.60
CA ASN A 280 23.30 18.68 -21.20
C ASN A 280 22.76 17.44 -20.47
N PRO A 281 22.00 16.54 -21.14
CA PRO A 281 21.43 15.38 -20.46
C PRO A 281 22.46 14.50 -19.73
N ASP A 282 23.69 14.48 -20.26
CA ASP A 282 24.77 13.66 -19.72
C ASP A 282 25.21 14.16 -18.34
N GLU A 283 25.05 15.45 -18.06
CA GLU A 283 25.45 16.02 -16.78
C GLU A 283 24.42 15.72 -15.69
N ARG A 284 23.25 15.20 -16.06
CA ARG A 284 22.19 14.99 -15.08
C ARG A 284 22.44 13.70 -14.31
N PRO A 285 22.23 13.68 -12.98
CA PRO A 285 22.45 12.47 -12.19
C PRO A 285 21.39 11.40 -12.41
N SER A 286 21.76 10.15 -12.08
CA SER A 286 20.84 9.03 -11.95
C SER A 286 19.99 9.24 -10.70
N PHE A 287 18.88 8.50 -10.60
CA PHE A 287 18.07 8.56 -9.39
C PHE A 287 18.79 7.89 -8.23
N LEU A 288 19.68 6.94 -8.53
CA LEU A 288 20.52 6.33 -7.51
C LEU A 288 21.28 7.44 -6.80
N LYS A 289 21.91 8.32 -7.58
CA LYS A 289 22.68 9.40 -7.00
C LYS A 289 21.81 10.35 -6.18
N CYS A 290 20.56 10.60 -6.62
CA CYS A 290 19.65 11.42 -5.83
C CYS A 290 19.39 10.79 -4.47
N LEU A 291 19.10 9.49 -4.48
CA LEU A 291 18.81 8.74 -3.27
C LEU A 291 20.01 8.79 -2.32
N ILE A 292 21.24 8.69 -2.85
CA ILE A 292 22.44 8.78 -2.03
C ILE A 292 22.47 10.14 -1.32
N GLU A 293 22.16 11.20 -2.06
CA GLU A 293 22.19 12.56 -1.54
C GLU A 293 21.07 12.78 -0.53
N LEU A 294 19.91 12.14 -0.75
CA LEU A 294 18.71 12.40 0.04
C LEU A 294 18.71 11.65 1.37
N GLU A 295 19.22 10.41 1.38
CA GLU A 295 19.13 9.54 2.55
C GLU A 295 19.70 10.24 3.79
N PRO A 296 20.90 10.90 3.73
CA PRO A 296 21.41 11.65 4.87
C PRO A 296 20.43 12.71 5.40
N VAL A 297 19.80 13.43 4.47
CA VAL A 297 18.89 14.51 4.80
C VAL A 297 17.68 13.96 5.56
N LEU A 298 17.15 12.81 5.11
CA LEU A 298 15.96 12.25 5.72
C LEU A 298 16.26 11.64 7.10
N ARG A 299 17.53 11.26 7.33
CA ARG A 299 17.94 10.71 8.62
C ARG A 299 17.83 11.76 9.72
N THR A 300 17.86 13.05 9.37
CA THR A 300 17.85 14.11 10.35
C THR A 300 16.45 14.31 10.95
N PHE A 301 15.43 13.62 10.42
CA PHE A 301 14.09 13.75 10.96
C PHE A 301 13.67 12.44 11.64
N GLU A 302 13.14 12.55 12.86
CA GLU A 302 12.61 11.42 13.58
C GLU A 302 11.25 11.05 12.98
N GLU A 303 10.91 9.76 13.05
CA GLU A 303 9.76 9.21 12.35
C GLU A 303 8.46 9.85 12.85
N ILE A 304 8.47 10.27 14.11
CA ILE A 304 7.31 10.84 14.77
C ILE A 304 7.03 12.25 14.23
N THR A 305 8.08 12.95 13.74
CA THR A 305 7.89 14.31 13.25
C THR A 305 7.06 14.28 11.96
N PHE A 306 7.24 13.23 11.14
CA PHE A 306 6.46 13.08 9.92
C PHE A 306 4.98 12.96 10.27
N LEU A 307 4.66 12.19 11.31
CA LEU A 307 3.27 11.92 11.68
C LEU A 307 2.64 13.16 12.28
N GLU A 308 3.45 13.91 13.05
CA GLU A 308 3.01 15.16 13.64
C GLU A 308 2.74 16.18 12.52
N ALA A 309 3.57 16.16 11.46
CA ALA A 309 3.39 17.05 10.33
C ALA A 309 2.08 16.76 9.61
N VAL A 310 1.75 15.47 9.43
CA VAL A 310 0.54 15.06 8.76
C VAL A 310 -0.67 15.45 9.61
N ILE A 311 -0.63 15.18 10.92
CA ILE A 311 -1.76 15.48 11.77
C ILE A 311 -2.00 17.00 11.82
N GLN A 312 -0.91 17.77 11.85
CA GLN A 312 -1.00 19.22 11.89
C GLN A 312 -1.58 19.76 10.58
N LEU A 313 -1.24 19.10 9.47
CA LEU A 313 -1.80 19.42 8.17
C LEU A 313 -3.31 19.24 8.20
N LYS A 314 -3.78 18.13 8.75
CA LYS A 314 -5.20 17.79 8.72
C LYS A 314 -5.96 18.69 9.70
N LYS A 315 -5.35 19.05 10.83
CA LYS A 315 -6.00 19.91 11.80
C LYS A 315 -6.18 21.31 11.21
N THR A 316 -5.10 21.90 10.71
CA THR A 316 -5.12 23.24 10.13
C THR A 316 -6.11 23.32 8.96
N LYS A 317 -6.23 22.22 8.21
CA LYS A 317 -7.08 22.15 7.03
C LYS A 317 -8.55 22.32 7.41
N LEU A 318 -8.90 22.02 8.68
CA LEU A 318 -10.22 22.31 9.21
C LEU A 318 -10.31 23.82 9.50
N ALA B 13 4.68 -14.20 -15.51
CA ALA B 13 4.26 -12.78 -15.40
C ALA B 13 4.88 -12.16 -14.15
N LEU B 14 4.97 -12.93 -13.06
CA LEU B 14 5.50 -12.45 -11.81
C LEU B 14 7.01 -12.26 -11.90
N PRO B 15 7.56 -11.06 -11.62
CA PRO B 15 8.98 -10.77 -11.86
C PRO B 15 9.93 -11.71 -11.14
N THR B 16 11.01 -12.13 -11.80
CA THR B 16 12.05 -12.92 -11.16
C THR B 16 13.05 -11.96 -10.51
N ILE B 17 13.50 -12.31 -9.30
CA ILE B 17 14.43 -11.48 -8.55
C ILE B 17 15.66 -12.32 -8.23
N PRO B 18 16.86 -11.99 -8.77
CA PRO B 18 18.06 -12.76 -8.46
C PRO B 18 18.32 -12.65 -6.96
N TYR B 19 18.63 -13.79 -6.32
CA TYR B 19 18.90 -13.84 -4.89
C TYR B 19 20.06 -12.91 -4.53
N HIS B 20 21.01 -12.70 -5.46
CA HIS B 20 22.19 -11.87 -5.24
C HIS B 20 21.83 -10.40 -5.03
N LYS B 21 20.59 -9.99 -5.34
CA LYS B 21 20.14 -8.62 -5.09
C LYS B 21 19.83 -8.40 -3.61
N LEU B 22 19.64 -9.48 -2.84
CA LEU B 22 19.19 -9.35 -1.45
C LEU B 22 20.39 -9.45 -0.50
N ALA B 23 20.42 -8.59 0.51
CA ALA B 23 21.47 -8.60 1.50
C ALA B 23 20.90 -8.34 2.89
N ASP B 24 21.74 -8.43 3.91
CA ASP B 24 21.35 -8.20 5.30
C ASP B 24 20.13 -9.04 5.68
N LEU B 25 20.15 -10.34 5.43
CA LEU B 25 19.04 -11.19 5.83
C LEU B 25 18.95 -11.25 7.36
N ARG B 26 17.74 -11.05 7.88
CA ARG B 26 17.48 -11.13 9.31
C ARG B 26 16.22 -11.98 9.49
N TYR B 27 16.25 -12.90 10.45
CA TYR B 27 15.13 -13.77 10.78
C TYR B 27 13.91 -12.95 11.17
N LEU B 28 12.74 -13.37 10.68
CA LEU B 28 11.48 -12.79 11.08
C LEU B 28 10.56 -13.85 11.69
N SER B 29 10.41 -14.98 11.01
CA SER B 29 9.58 -16.06 11.49
C SER B 29 10.06 -17.38 10.92
N ARG B 30 9.70 -18.48 11.60
CA ARG B 30 10.07 -19.82 11.21
C ARG B 30 8.84 -20.70 11.35
N GLY B 31 8.10 -20.89 10.25
CA GLY B 31 6.91 -21.72 10.23
C GLY B 31 7.16 -23.02 9.47
N ALA B 32 6.13 -23.87 9.39
CA ALA B 32 6.27 -25.17 8.76
C ALA B 32 6.48 -25.01 7.25
N SER B 33 5.83 -24.01 6.65
CA SER B 33 5.84 -23.84 5.21
C SER B 33 7.15 -23.20 4.73
N GLY B 34 7.81 -22.44 5.61
CA GLY B 34 9.10 -21.86 5.26
C GLY B 34 9.56 -20.81 6.28
N THR B 35 10.84 -20.42 6.17
CA THR B 35 11.40 -19.34 6.95
C THR B 35 11.10 -18.01 6.25
N VAL B 36 10.85 -16.96 7.03
CA VAL B 36 10.72 -15.61 6.51
C VAL B 36 11.86 -14.78 7.09
N SER B 37 12.53 -14.02 6.21
CA SER B 37 13.55 -13.08 6.64
C SER B 37 13.32 -11.71 5.99
N SER B 38 13.73 -10.64 6.67
CA SER B 38 13.86 -9.34 6.04
C SER B 38 15.18 -9.33 5.27
N ALA B 39 15.24 -8.47 4.26
CA ALA B 39 16.40 -8.32 3.41
C ALA B 39 16.35 -6.93 2.79
N ARG B 40 17.49 -6.48 2.27
N ARG B 40 17.51 -6.46 2.33
CA ARG B 40 17.58 -5.18 1.63
CA ARG B 40 17.58 -5.19 1.63
C ARG B 40 17.92 -5.41 0.17
C ARG B 40 17.85 -5.52 0.17
N HIS B 41 17.10 -4.87 -0.73
CA HIS B 41 17.29 -5.03 -2.15
C HIS B 41 18.32 -4.01 -2.61
N ALA B 42 19.36 -4.48 -3.31
CA ALA B 42 20.50 -3.67 -3.69
C ALA B 42 20.10 -2.50 -4.60
N ASP B 43 19.20 -2.76 -5.55
CA ASP B 43 18.82 -1.78 -6.56
C ASP B 43 17.72 -0.84 -6.06
N TRP B 44 16.74 -1.37 -5.33
CA TRP B 44 15.55 -0.61 -4.95
C TRP B 44 15.81 0.22 -3.70
N ARG B 45 16.81 -0.20 -2.92
CA ARG B 45 17.21 0.46 -1.68
C ARG B 45 16.03 0.51 -0.70
N VAL B 46 15.25 -0.57 -0.65
CA VAL B 46 14.23 -0.73 0.38
C VAL B 46 14.34 -2.12 0.97
N GLN B 47 13.76 -2.29 2.15
CA GLN B 47 13.57 -3.59 2.78
C GLN B 47 12.48 -4.35 2.07
N VAL B 48 12.67 -5.67 1.97
CA VAL B 48 11.68 -6.62 1.50
C VAL B 48 11.63 -7.76 2.50
N ALA B 49 10.67 -8.67 2.33
CA ALA B 49 10.65 -9.92 3.07
C ALA B 49 10.72 -11.05 2.06
N VAL B 50 11.37 -12.14 2.47
N VAL B 50 11.38 -12.13 2.47
CA VAL B 50 11.50 -13.32 1.63
CA VAL B 50 11.49 -13.31 1.61
C VAL B 50 11.10 -14.55 2.44
C VAL B 50 11.14 -14.56 2.42
N LYS B 51 10.22 -15.36 1.86
CA LYS B 51 9.81 -16.62 2.46
C LYS B 51 10.53 -17.75 1.74
N HIS B 52 11.41 -18.42 2.47
CA HIS B 52 12.23 -19.51 1.95
C HIS B 52 11.39 -20.79 2.06
N LEU B 53 10.81 -21.20 0.93
CA LEU B 53 9.96 -22.38 0.85
C LEU B 53 10.84 -23.63 1.04
N HIS B 54 10.62 -24.37 2.14
CA HIS B 54 11.51 -25.47 2.51
C HIS B 54 11.62 -26.52 1.40
N LEU B 60 14.42 -30.71 -7.71
CA LEU B 60 13.52 -31.45 -8.65
C LEU B 60 12.77 -30.46 -9.54
N ASP B 61 12.49 -30.91 -10.78
CA ASP B 61 11.75 -30.11 -11.74
C ASP B 61 10.25 -30.22 -11.48
N SER B 62 9.81 -31.33 -10.88
CA SER B 62 8.41 -31.53 -10.55
C SER B 62 7.97 -30.57 -9.45
N GLU B 63 8.87 -30.29 -8.50
CA GLU B 63 8.57 -29.41 -7.38
C GLU B 63 8.64 -27.96 -7.83
N ARG B 64 9.63 -27.64 -8.68
CA ARG B 64 9.85 -26.29 -9.17
C ARG B 64 8.64 -25.83 -9.99
N LYS B 65 8.16 -26.71 -10.88
CA LYS B 65 7.00 -26.44 -11.72
C LYS B 65 5.77 -26.18 -10.84
N ASP B 66 5.62 -26.98 -9.78
CA ASP B 66 4.47 -26.88 -8.89
C ASP B 66 4.54 -25.59 -8.07
N VAL B 67 5.75 -25.16 -7.69
CA VAL B 67 5.94 -24.03 -6.79
C VAL B 67 5.75 -22.72 -7.56
N LEU B 68 6.11 -22.72 -8.86
CA LEU B 68 5.90 -21.54 -9.68
C LEU B 68 4.41 -21.33 -9.95
N ARG B 69 3.71 -22.42 -10.28
CA ARG B 69 2.28 -22.38 -10.55
C ARG B 69 1.51 -21.89 -9.32
N GLU B 70 1.93 -22.34 -8.13
CA GLU B 70 1.28 -21.96 -6.89
C GLU B 70 1.47 -20.47 -6.63
N ALA B 71 2.65 -19.94 -6.96
CA ALA B 71 2.99 -18.55 -6.66
C ALA B 71 2.38 -17.60 -7.70
N GLU B 72 2.16 -18.09 -8.93
CA GLU B 72 1.57 -17.28 -9.98
C GLU B 72 0.05 -17.14 -9.77
N ILE B 73 -0.52 -18.09 -9.02
CA ILE B 73 -1.91 -18.01 -8.59
C ILE B 73 -2.07 -16.86 -7.59
N LEU B 74 -1.05 -16.66 -6.74
CA LEU B 74 -1.07 -15.64 -5.70
C LEU B 74 -0.85 -14.25 -6.31
N HIS B 75 -0.22 -14.23 -7.49
CA HIS B 75 0.06 -13.02 -8.26
C HIS B 75 -1.22 -12.31 -8.69
N LYS B 76 -2.34 -13.06 -8.80
CA LYS B 76 -3.60 -12.47 -9.23
C LYS B 76 -4.14 -11.52 -8.17
N ALA B 77 -3.86 -11.82 -6.89
CA ALA B 77 -4.37 -11.03 -5.79
C ALA B 77 -3.65 -9.69 -5.72
N ARG B 78 -4.35 -8.61 -6.05
CA ARG B 78 -3.76 -7.28 -5.98
C ARG B 78 -4.82 -6.39 -5.34
N PHE B 79 -4.56 -5.95 -4.11
CA PHE B 79 -5.52 -5.16 -3.37
C PHE B 79 -4.79 -4.52 -2.20
N SER B 80 -5.27 -3.38 -1.72
CA SER B 80 -4.54 -2.61 -0.73
C SER B 80 -4.41 -3.35 0.60
N TYR B 81 -5.27 -4.34 0.90
CA TYR B 81 -5.24 -5.01 2.20
C TYR B 81 -4.70 -6.43 2.07
N ILE B 82 -4.03 -6.72 0.93
CA ILE B 82 -3.36 -7.98 0.66
C ILE B 82 -1.86 -7.70 0.52
N LEU B 83 -1.01 -8.47 1.20
CA LEU B 83 0.44 -8.29 1.11
C LEU B 83 0.86 -8.37 -0.35
N PRO B 84 1.41 -7.29 -0.96
CA PRO B 84 1.95 -7.34 -2.32
C PRO B 84 3.14 -8.27 -2.48
N ILE B 85 3.05 -9.18 -3.46
CA ILE B 85 4.15 -10.03 -3.87
C ILE B 85 4.94 -9.30 -4.97
N LEU B 86 6.23 -9.05 -4.71
CA LEU B 86 7.06 -8.25 -5.60
C LEU B 86 7.76 -9.12 -6.63
N GLY B 87 8.02 -10.39 -6.30
CA GLY B 87 8.59 -11.33 -7.24
C GLY B 87 8.91 -12.69 -6.63
N ILE B 88 9.62 -13.52 -7.41
CA ILE B 88 10.04 -14.86 -7.02
C ILE B 88 11.56 -14.96 -7.16
N CYS B 89 12.22 -15.54 -6.16
CA CYS B 89 13.59 -15.98 -6.29
C CYS B 89 13.60 -17.41 -6.84
N ASN B 90 13.98 -17.56 -8.11
CA ASN B 90 14.08 -18.89 -8.72
C ASN B 90 15.55 -19.30 -8.79
N GLU B 91 16.12 -19.67 -7.63
CA GLU B 91 17.49 -20.10 -7.53
C GLU B 91 17.58 -21.62 -7.75
N PRO B 92 18.80 -22.19 -7.95
CA PRO B 92 18.94 -23.61 -8.24
C PRO B 92 18.51 -24.50 -7.08
N GLU B 93 18.90 -24.11 -5.86
CA GLU B 93 18.67 -24.91 -4.66
C GLU B 93 17.64 -24.24 -3.75
N PHE B 94 17.09 -23.10 -4.19
CA PHE B 94 16.41 -22.17 -3.31
C PHE B 94 15.22 -21.55 -4.04
N LEU B 95 14.01 -21.77 -3.53
CA LEU B 95 12.83 -21.07 -4.00
C LEU B 95 12.37 -20.09 -2.92
N GLY B 96 11.98 -18.90 -3.35
CA GLY B 96 11.66 -17.81 -2.44
C GLY B 96 10.60 -16.88 -3.02
N ILE B 97 9.60 -16.52 -2.20
CA ILE B 97 8.65 -15.48 -2.53
C ILE B 97 9.12 -14.21 -1.86
N VAL B 98 9.11 -13.09 -2.60
CA VAL B 98 9.53 -11.80 -2.10
C VAL B 98 8.33 -10.85 -2.04
N THR B 99 8.14 -10.19 -0.91
CA THR B 99 7.02 -9.29 -0.70
C THR B 99 7.54 -7.98 -0.13
N GLU B 100 6.64 -7.02 -0.07
CA GLU B 100 6.86 -5.82 0.72
C GLU B 100 7.19 -6.25 2.15
N TYR B 101 7.98 -5.41 2.81
CA TYR B 101 8.32 -5.60 4.22
C TYR B 101 7.35 -4.77 5.04
N MET B 102 6.77 -5.42 6.05
CA MET B 102 5.75 -4.79 6.90
C MET B 102 6.39 -4.36 8.22
N PRO B 103 6.80 -3.08 8.36
CA PRO B 103 7.63 -2.67 9.48
C PRO B 103 7.06 -2.95 10.86
N ASN B 104 5.73 -3.06 10.99
CA ASN B 104 5.12 -3.17 12.31
C ASN B 104 4.67 -4.60 12.58
N GLY B 105 5.09 -5.56 11.74
CA GLY B 105 4.95 -6.97 12.06
C GLY B 105 3.48 -7.42 12.05
N SER B 106 3.17 -8.37 12.95
CA SER B 106 1.93 -9.12 12.84
C SER B 106 0.90 -8.58 13.85
N LEU B 107 -0.38 -8.84 13.57
CA LEU B 107 -1.43 -8.51 14.51
C LEU B 107 -1.22 -9.22 15.84
N ASN B 108 -0.64 -10.43 15.81
CA ASN B 108 -0.40 -11.18 17.03
C ASN B 108 0.53 -10.39 17.95
N GLU B 109 1.59 -9.82 17.39
CA GLU B 109 2.53 -9.02 18.17
C GLU B 109 1.86 -7.80 18.79
N LEU B 110 0.99 -7.12 18.05
CA LEU B 110 0.34 -5.92 18.54
C LEU B 110 -0.61 -6.27 19.70
N LEU B 111 -1.32 -7.38 19.58
CA LEU B 111 -2.36 -7.72 20.56
C LEU B 111 -1.73 -8.18 21.87
N HIS B 112 -0.59 -8.89 21.80
CA HIS B 112 -0.09 -9.65 22.94
C HIS B 112 1.18 -9.07 23.56
N ARG B 113 1.85 -8.11 22.88
CA ARG B 113 3.00 -7.46 23.47
C ARG B 113 2.58 -6.21 24.23
N LYS B 114 2.30 -6.39 25.52
CA LYS B 114 1.60 -5.37 26.29
C LYS B 114 2.56 -4.42 26.99
N THR B 115 3.84 -4.75 27.05
CA THR B 115 4.80 -3.76 27.49
C THR B 115 4.97 -2.75 26.35
N GLU B 116 5.13 -3.26 25.13
CA GLU B 116 5.33 -2.41 23.97
C GLU B 116 4.08 -1.58 23.69
N TYR B 117 2.91 -2.24 23.83
CA TYR B 117 1.64 -1.66 23.43
C TYR B 117 0.63 -1.78 24.56
N PRO B 118 0.79 -1.02 25.67
CA PRO B 118 -0.11 -1.11 26.81
C PRO B 118 -1.56 -0.81 26.45
N ASP B 119 -1.76 0.12 25.50
CA ASP B 119 -3.09 0.48 25.04
C ASP B 119 -3.16 0.38 23.52
N VAL B 120 -4.28 -0.13 23.00
CA VAL B 120 -4.58 -0.04 21.58
C VAL B 120 -5.99 0.52 21.46
N ALA B 121 -6.09 1.78 21.03
CA ALA B 121 -7.35 2.50 21.05
C ALA B 121 -8.37 1.80 20.15
N TRP B 122 -9.64 1.83 20.57
CA TRP B 122 -10.72 1.14 19.87
C TRP B 122 -10.78 1.48 18.40
N PRO B 123 -10.65 2.76 18.00
CA PRO B 123 -10.76 3.12 16.59
C PRO B 123 -9.78 2.33 15.72
N LEU B 124 -8.56 2.18 16.23
CA LEU B 124 -7.53 1.42 15.51
C LEU B 124 -7.91 -0.05 15.44
N ARG B 125 -8.45 -0.60 16.53
CA ARG B 125 -8.81 -2.01 16.54
C ARG B 125 -9.89 -2.27 15.50
N PHE B 126 -10.89 -1.38 15.42
CA PHE B 126 -11.99 -1.54 14.49
C PHE B 126 -11.53 -1.31 13.06
N ARG B 127 -10.62 -0.37 12.84
CA ARG B 127 -10.03 -0.19 11.52
C ARG B 127 -9.34 -1.47 11.06
N ILE B 128 -8.59 -2.10 11.97
CA ILE B 128 -7.94 -3.37 11.66
C ILE B 128 -8.98 -4.41 11.25
N LEU B 129 -10.06 -4.53 12.04
CA LEU B 129 -11.10 -5.51 11.75
C LEU B 129 -11.75 -5.22 10.41
N HIS B 130 -11.97 -3.94 10.11
CA HIS B 130 -12.61 -3.54 8.87
C HIS B 130 -11.74 -3.95 7.68
N GLU B 131 -10.44 -3.64 7.78
CA GLU B 131 -9.49 -3.90 6.70
C GLU B 131 -9.28 -5.40 6.52
N ILE B 132 -9.27 -6.17 7.61
CA ILE B 132 -9.13 -7.61 7.46
C ILE B 132 -10.29 -8.14 6.61
N ALA B 133 -11.51 -7.69 6.94
CA ALA B 133 -12.71 -8.18 6.29
C ALA B 133 -12.75 -7.75 4.82
N LEU B 134 -12.31 -6.51 4.55
CA LEU B 134 -12.21 -6.03 3.17
C LEU B 134 -11.24 -6.90 2.38
N GLY B 135 -10.10 -7.26 3.01
CA GLY B 135 -9.10 -8.07 2.34
C GLY B 135 -9.61 -9.47 2.01
N VAL B 136 -10.29 -10.11 2.99
CA VAL B 136 -10.80 -11.46 2.80
C VAL B 136 -11.95 -11.42 1.80
N ASN B 137 -12.78 -10.39 1.88
CA ASN B 137 -13.88 -10.20 0.96
C ASN B 137 -13.34 -10.16 -0.46
N TYR B 138 -12.24 -9.44 -0.67
CA TYR B 138 -11.60 -9.38 -1.98
C TYR B 138 -11.21 -10.79 -2.43
N LEU B 139 -10.54 -11.55 -1.56
CA LEU B 139 -10.08 -12.88 -1.92
C LEU B 139 -11.27 -13.77 -2.29
N HIS B 140 -12.40 -13.60 -1.58
CA HIS B 140 -13.59 -14.40 -1.84
C HIS B 140 -14.26 -14.01 -3.16
N ASN B 141 -14.02 -12.80 -3.67
CA ASN B 141 -14.63 -12.36 -4.93
C ASN B 141 -13.74 -12.65 -6.14
N MET B 142 -12.53 -13.15 -5.91
CA MET B 142 -11.66 -13.53 -7.01
C MET B 142 -12.26 -14.72 -7.76
N THR B 143 -11.95 -14.79 -9.07
CA THR B 143 -12.41 -15.89 -9.92
C THR B 143 -11.18 -16.54 -10.55
N PRO B 144 -10.79 -17.77 -10.14
CA PRO B 144 -11.45 -18.50 -9.05
C PRO B 144 -11.01 -18.00 -7.68
N PRO B 145 -11.66 -18.43 -6.58
CA PRO B 145 -11.20 -18.11 -5.23
C PRO B 145 -9.95 -18.91 -4.85
N LEU B 146 -9.29 -18.52 -3.76
CA LEU B 146 -8.21 -19.32 -3.20
C LEU B 146 -8.77 -20.62 -2.63
N LEU B 147 -8.08 -21.74 -2.90
CA LEU B 147 -8.51 -23.08 -2.52
C LEU B 147 -8.12 -23.39 -1.07
N HIS B 148 -7.09 -22.70 -0.57
CA HIS B 148 -6.55 -22.94 0.76
C HIS B 148 -6.74 -21.70 1.63
N HIS B 149 -6.97 -21.94 2.93
CA HIS B 149 -7.39 -20.91 3.87
C HIS B 149 -6.72 -21.17 5.21
N ASP B 150 -5.96 -20.18 5.73
CA ASP B 150 -5.32 -20.34 7.03
C ASP B 150 -5.16 -18.97 7.69
N LEU B 151 -6.27 -18.25 7.84
CA LEU B 151 -6.24 -16.90 8.40
C LEU B 151 -5.94 -16.99 9.89
N LYS B 152 -4.97 -16.20 10.35
CA LYS B 152 -4.59 -16.19 11.75
C LYS B 152 -3.93 -14.85 12.07
N THR B 153 -3.72 -14.57 13.36
CA THR B 153 -3.17 -13.28 13.76
C THR B 153 -1.71 -13.17 13.31
N GLN B 154 -1.07 -14.33 13.06
CA GLN B 154 0.33 -14.37 12.68
C GLN B 154 0.54 -13.96 11.21
N ASN B 155 -0.48 -14.10 10.36
CA ASN B 155 -0.32 -13.75 8.95
C ASN B 155 -1.19 -12.54 8.58
N ILE B 156 -1.61 -11.76 9.58
CA ILE B 156 -2.18 -10.44 9.38
C ILE B 156 -1.14 -9.42 9.79
N LEU B 157 -0.63 -8.67 8.81
CA LEU B 157 0.54 -7.82 8.99
C LEU B 157 0.13 -6.36 9.00
N LEU B 158 1.01 -5.56 9.59
CA LEU B 158 0.75 -4.16 9.87
C LEU B 158 1.87 -3.31 9.25
N ASP B 159 1.47 -2.31 8.45
CA ASP B 159 2.42 -1.51 7.70
C ASP B 159 2.83 -0.36 8.61
N ASN B 160 3.57 0.60 8.05
CA ASN B 160 4.15 1.69 8.81
C ASN B 160 3.08 2.55 9.47
N GLU B 161 1.88 2.63 8.89
CA GLU B 161 0.80 3.42 9.47
C GLU B 161 -0.25 2.52 10.14
N PHE B 162 0.13 1.26 10.42
CA PHE B 162 -0.74 0.29 11.09
C PHE B 162 -1.99 -0.01 10.29
N HIS B 163 -1.88 0.03 8.94
CA HIS B 163 -2.89 -0.53 8.06
C HIS B 163 -2.57 -1.99 7.84
N VAL B 164 -3.62 -2.77 7.55
CA VAL B 164 -3.52 -4.21 7.43
C VAL B 164 -3.08 -4.60 6.03
N LYS B 165 -2.21 -5.61 5.98
CA LYS B 165 -2.03 -6.41 4.79
C LYS B 165 -2.05 -7.87 5.21
N ILE B 166 -2.96 -8.65 4.61
CA ILE B 166 -3.11 -10.04 5.00
C ILE B 166 -2.23 -10.89 4.07
N ALA B 167 -1.63 -11.92 4.66
CA ALA B 167 -0.78 -12.82 3.92
C ALA B 167 -1.29 -14.25 4.10
N ASP B 168 -2.61 -14.42 4.15
CA ASP B 168 -3.26 -15.72 4.27
C ASP B 168 -3.44 -16.29 2.86
N PHE B 169 -2.31 -16.72 2.30
CA PHE B 169 -2.29 -17.38 1.00
C PHE B 169 -2.48 -18.87 1.28
N GLY B 170 -2.34 -19.71 0.25
CA GLY B 170 -2.42 -21.15 0.48
C GLY B 170 -1.26 -21.64 1.34
N LEU B 171 -0.15 -20.90 1.30
CA LEU B 171 1.19 -21.37 1.65
C LEU B 171 1.22 -22.16 2.96
N SER B 172 0.40 -21.76 3.94
CA SER B 172 0.35 -22.39 5.25
C SER B 172 0.01 -23.88 5.13
N LYS B 173 -1.01 -24.19 4.32
CA LYS B 173 -1.44 -25.56 4.09
C LYS B 173 -0.43 -26.30 3.21
N TRP B 174 0.03 -25.66 2.13
CA TRP B 174 0.87 -26.31 1.13
C TRP B 174 2.07 -26.99 1.81
N THR B 193 -0.98 -24.41 14.45
CA THR B 193 -2.06 -23.88 15.34
C THR B 193 -3.42 -24.26 14.76
N ILE B 194 -4.39 -24.49 15.67
CA ILE B 194 -5.72 -24.96 15.27
C ILE B 194 -6.81 -24.05 15.85
N ILE B 195 -6.44 -22.99 16.59
CA ILE B 195 -7.44 -22.20 17.30
C ILE B 195 -8.30 -21.38 16.33
N TYR B 196 -7.81 -21.13 15.11
CA TYR B 196 -8.56 -20.35 14.13
C TYR B 196 -9.27 -21.26 13.12
N MET B 197 -9.19 -22.58 13.30
CA MET B 197 -9.70 -23.53 12.33
C MET B 197 -11.08 -24.00 12.78
N PRO B 198 -12.08 -24.05 11.87
CA PRO B 198 -13.42 -24.48 12.25
C PRO B 198 -13.45 -25.99 12.45
N PRO B 199 -14.36 -26.52 13.31
CA PRO B 199 -14.35 -27.94 13.66
C PRO B 199 -14.56 -28.88 12.46
N GLU B 200 -15.29 -28.44 11.43
CA GLU B 200 -15.54 -29.30 10.29
C GLU B 200 -14.27 -29.52 9.48
N ASN B 201 -13.19 -28.77 9.77
CA ASN B 201 -11.96 -28.90 9.01
C ASN B 201 -10.98 -29.83 9.73
N TYR B 202 -11.36 -30.36 10.90
CA TYR B 202 -10.46 -31.19 11.67
C TYR B 202 -10.25 -32.54 11.01
N GLU B 203 -11.28 -33.02 10.30
CA GLU B 203 -11.22 -34.24 9.52
C GLU B 203 -11.17 -33.84 8.05
N PRO B 204 -9.96 -33.77 7.45
CA PRO B 204 -9.81 -33.18 6.11
C PRO B 204 -10.10 -34.14 4.94
N SER B 211 -15.59 -25.90 1.88
CA SER B 211 -16.63 -24.94 2.32
C SER B 211 -16.16 -23.51 2.07
N ILE B 212 -17.12 -22.60 1.88
CA ILE B 212 -16.83 -21.18 1.76
C ILE B 212 -17.07 -20.49 3.11
N LYS B 213 -17.06 -21.26 4.20
CA LYS B 213 -17.39 -20.73 5.53
C LYS B 213 -16.23 -20.91 6.50
N HIS B 214 -15.02 -21.15 5.97
CA HIS B 214 -13.84 -21.38 6.78
C HIS B 214 -13.35 -20.05 7.35
N ASP B 215 -13.15 -19.07 6.45
CA ASP B 215 -12.49 -17.82 6.81
C ASP B 215 -13.30 -17.04 7.85
N ILE B 216 -14.65 -17.10 7.76
CA ILE B 216 -15.48 -16.32 8.68
C ILE B 216 -15.31 -16.86 10.11
N TYR B 217 -15.16 -18.18 10.24
CA TYR B 217 -14.89 -18.79 11.53
C TYR B 217 -13.57 -18.25 12.09
N SER B 218 -12.52 -18.23 11.25
CA SER B 218 -11.23 -17.71 11.67
C SER B 218 -11.34 -16.26 12.12
N TYR B 219 -12.07 -15.48 11.31
CA TYR B 219 -12.29 -14.06 11.55
C TYR B 219 -13.02 -13.79 12.87
N ALA B 220 -14.01 -14.64 13.20
CA ALA B 220 -14.74 -14.50 14.46
C ALA B 220 -13.79 -14.70 15.65
N VAL B 221 -12.92 -15.71 15.58
CA VAL B 221 -11.94 -15.91 16.64
C VAL B 221 -10.96 -14.71 16.71
N ILE B 222 -10.50 -14.26 15.54
CA ILE B 222 -9.60 -13.11 15.45
C ILE B 222 -10.27 -11.87 16.03
N THR B 223 -11.55 -11.67 15.70
CA THR B 223 -12.29 -10.52 16.24
C THR B 223 -12.31 -10.59 17.76
N TRP B 224 -12.65 -11.76 18.30
CA TRP B 224 -12.64 -11.99 19.74
C TRP B 224 -11.27 -11.64 20.33
N GLU B 225 -10.22 -12.13 19.68
CA GLU B 225 -8.86 -11.88 20.13
C GLU B 225 -8.54 -10.39 20.09
N VAL B 226 -8.95 -9.70 19.03
CA VAL B 226 -8.69 -8.26 18.93
C VAL B 226 -9.40 -7.50 20.05
N LEU B 227 -10.66 -7.86 20.35
CA LEU B 227 -11.43 -7.09 21.33
C LEU B 227 -11.01 -7.46 22.77
N SER B 228 -10.50 -8.68 22.98
CA SER B 228 -10.13 -9.14 24.31
C SER B 228 -8.65 -8.91 24.62
N ARG B 229 -7.79 -9.01 23.60
CA ARG B 229 -6.34 -9.10 23.74
C ARG B 229 -5.96 -10.27 24.66
N LYS B 230 -6.76 -11.35 24.62
CA LYS B 230 -6.46 -12.56 25.35
C LYS B 230 -6.13 -13.68 24.37
N GLN B 231 -5.42 -14.70 24.86
CA GLN B 231 -5.20 -15.91 24.10
C GLN B 231 -6.48 -16.74 24.06
N PRO B 232 -7.05 -17.08 22.89
CA PRO B 232 -8.18 -18.00 22.85
C PRO B 232 -7.80 -19.32 23.54
N PHE B 233 -8.70 -19.84 24.39
CA PHE B 233 -8.54 -21.13 25.06
C PHE B 233 -7.30 -21.13 25.96
N GLU B 234 -7.04 -20.04 26.68
CA GLU B 234 -5.75 -19.87 27.33
C GLU B 234 -5.49 -20.94 28.39
N ASP B 235 -6.55 -21.37 29.09
CA ASP B 235 -6.44 -22.35 30.15
C ASP B 235 -6.01 -23.72 29.60
N VAL B 236 -6.53 -24.09 28.42
CA VAL B 236 -6.29 -25.39 27.81
C VAL B 236 -4.90 -25.39 27.16
N THR B 237 -4.05 -26.35 27.53
CA THR B 237 -2.66 -26.38 27.08
C THR B 237 -2.40 -27.48 26.06
N ASN B 238 -3.29 -28.48 25.98
CA ASN B 238 -3.18 -29.54 24.98
C ASN B 238 -4.04 -29.18 23.78
N PRO B 239 -3.45 -28.98 22.58
CA PRO B 239 -4.22 -28.59 21.40
C PRO B 239 -5.34 -29.57 21.06
N LEU B 240 -5.11 -30.85 21.38
CA LEU B 240 -6.09 -31.88 21.13
C LEU B 240 -7.31 -31.66 22.01
N GLN B 241 -7.10 -31.15 23.23
CA GLN B 241 -8.22 -30.83 24.12
C GLN B 241 -9.03 -29.66 23.55
N ILE B 242 -8.34 -28.68 22.94
CA ILE B 242 -9.02 -27.58 22.28
C ILE B 242 -9.91 -28.15 21.17
N MET B 243 -9.35 -29.04 20.34
CA MET B 243 -10.08 -29.59 19.21
C MET B 243 -11.34 -30.30 19.70
N TYR B 244 -11.23 -31.13 20.75
CA TYR B 244 -12.38 -31.85 21.26
C TYR B 244 -13.45 -30.86 21.73
N SER B 245 -13.06 -29.90 22.56
N SER B 245 -13.05 -29.89 22.56
CA SER B 245 -13.99 -28.91 23.10
CA SER B 245 -13.99 -28.92 23.12
C SER B 245 -14.70 -28.18 21.96
C SER B 245 -14.69 -28.14 22.00
N VAL B 246 -13.92 -27.71 20.99
CA VAL B 246 -14.45 -26.95 19.87
C VAL B 246 -15.45 -27.80 19.10
N SER B 247 -15.12 -29.08 18.85
CA SER B 247 -15.99 -29.96 18.08
C SER B 247 -17.32 -30.16 18.80
N GLN B 248 -17.35 -29.98 20.12
CA GLN B 248 -18.57 -30.11 20.90
C GLN B 248 -19.28 -28.76 21.08
N GLY B 249 -18.78 -27.69 20.42
CA GLY B 249 -19.48 -26.43 20.40
C GLY B 249 -18.91 -25.38 21.36
N HIS B 250 -17.86 -25.71 22.11
N HIS B 250 -17.86 -25.73 22.12
CA HIS B 250 -17.23 -24.75 23.00
CA HIS B 250 -17.14 -24.80 22.99
C HIS B 250 -16.38 -23.77 22.19
C HIS B 250 -16.39 -23.75 22.14
N ARG B 251 -16.25 -22.55 22.72
CA ARG B 251 -15.65 -21.43 22.03
C ARG B 251 -14.92 -20.56 23.06
N PRO B 252 -14.05 -19.62 22.65
CA PRO B 252 -13.46 -18.67 23.60
C PRO B 252 -14.55 -17.98 24.42
N VAL B 253 -14.22 -17.64 25.67
CA VAL B 253 -15.19 -17.22 26.66
C VAL B 253 -15.66 -15.78 26.37
N ILE B 254 -16.98 -15.58 26.49
CA ILE B 254 -17.59 -14.28 26.31
C ILE B 254 -18.30 -13.89 27.61
N ASN B 255 -17.72 -12.91 28.32
CA ASN B 255 -18.32 -12.41 29.53
C ASN B 255 -17.74 -11.03 29.83
N GLU B 256 -18.09 -10.50 31.00
CA GLU B 256 -17.74 -9.13 31.32
C GLU B 256 -16.23 -9.00 31.48
N GLU B 257 -15.53 -10.11 31.75
CA GLU B 257 -14.10 -10.07 31.95
C GLU B 257 -13.36 -10.18 30.61
N SER B 258 -13.75 -11.11 29.73
CA SER B 258 -13.02 -11.30 28.49
C SER B 258 -13.21 -10.11 27.55
N LEU B 259 -14.46 -9.64 27.43
CA LEU B 259 -14.82 -8.57 26.51
C LEU B 259 -15.32 -7.35 27.30
N PRO B 260 -14.47 -6.34 27.52
CA PRO B 260 -14.80 -5.21 28.40
C PRO B 260 -16.08 -4.48 27.99
N TYR B 261 -16.70 -3.83 28.98
CA TYR B 261 -17.97 -3.12 28.85
C TYR B 261 -17.86 -1.98 27.85
N ASP B 262 -16.65 -1.42 27.67
CA ASP B 262 -16.52 -0.21 26.86
C ASP B 262 -16.19 -0.54 25.41
N ILE B 263 -16.33 -1.79 24.96
CA ILE B 263 -16.25 -2.09 23.54
C ILE B 263 -17.39 -1.36 22.84
N PRO B 264 -17.10 -0.49 21.84
CA PRO B 264 -18.15 0.10 21.02
C PRO B 264 -19.04 -0.93 20.35
N HIS B 265 -20.37 -0.72 20.44
CA HIS B 265 -21.36 -1.62 19.88
C HIS B 265 -21.14 -3.04 20.40
N ARG B 266 -20.83 -3.14 21.70
CA ARG B 266 -20.43 -4.42 22.30
C ARG B 266 -21.40 -5.55 21.98
N ALA B 267 -22.72 -5.29 22.07
CA ALA B 267 -23.70 -6.36 21.95
C ALA B 267 -23.81 -6.84 20.50
N ARG B 268 -23.74 -5.90 19.56
CA ARG B 268 -23.73 -6.26 18.14
C ARG B 268 -22.45 -7.02 17.78
N MET B 269 -21.31 -6.65 18.37
CA MET B 269 -20.04 -7.30 18.04
C MET B 269 -20.04 -8.72 18.58
N ILE B 270 -20.54 -8.89 19.81
CA ILE B 270 -20.68 -10.22 20.41
C ILE B 270 -21.58 -11.09 19.52
N SER B 271 -22.68 -10.51 19.06
CA SER B 271 -23.59 -11.21 18.17
C SER B 271 -22.90 -11.62 16.88
N LEU B 272 -22.09 -10.72 16.30
CA LEU B 272 -21.34 -11.00 15.09
C LEU B 272 -20.33 -12.13 15.30
N ILE B 273 -19.57 -12.07 16.41
CA ILE B 273 -18.62 -13.10 16.77
C ILE B 273 -19.30 -14.47 16.86
N GLU B 274 -20.40 -14.54 17.61
CA GLU B 274 -21.06 -15.81 17.85
C GLU B 274 -21.66 -16.36 16.56
N SER B 275 -22.13 -15.49 15.66
CA SER B 275 -22.63 -15.96 14.37
C SER B 275 -21.48 -16.48 13.51
N GLY B 276 -20.36 -15.76 13.54
CA GLY B 276 -19.19 -16.10 12.72
C GLY B 276 -18.60 -17.47 13.06
N TRP B 277 -18.60 -17.84 14.35
CA TRP B 277 -18.04 -19.12 14.74
C TRP B 277 -19.11 -20.17 15.04
N ALA B 278 -20.31 -20.00 14.48
CA ALA B 278 -21.39 -20.95 14.67
C ALA B 278 -20.94 -22.36 14.27
N GLN B 279 -21.37 -23.33 15.07
CA GLN B 279 -21.08 -24.74 14.84
C GLN B 279 -21.53 -25.12 13.43
N ASN B 280 -22.74 -24.69 13.05
CA ASN B 280 -23.29 -25.00 11.75
C ASN B 280 -22.74 -24.00 10.73
N PRO B 281 -21.94 -24.43 9.73
CA PRO B 281 -21.35 -23.49 8.77
C PRO B 281 -22.38 -22.62 8.03
N ASP B 282 -23.59 -23.14 7.86
CA ASP B 282 -24.65 -22.44 7.13
C ASP B 282 -25.15 -21.24 7.92
N GLU B 283 -25.02 -21.25 9.24
CA GLU B 283 -25.49 -20.15 10.07
C GLU B 283 -24.48 -19.00 10.07
N ARG B 284 -23.29 -19.22 9.52
CA ARG B 284 -22.24 -18.21 9.55
C ARG B 284 -22.49 -17.17 8.46
N PRO B 285 -22.29 -15.87 8.74
CA PRO B 285 -22.48 -14.84 7.74
C PRO B 285 -21.37 -14.83 6.68
N SER B 286 -21.71 -14.25 5.51
CA SER B 286 -20.76 -13.91 4.47
C SER B 286 -19.94 -12.73 4.94
N PHE B 287 -18.79 -12.47 4.29
CA PHE B 287 -18.01 -11.29 4.61
C PHE B 287 -18.74 -10.02 4.17
N LEU B 288 -19.57 -10.13 3.14
CA LEU B 288 -20.43 -9.01 2.74
C LEU B 288 -21.24 -8.55 3.95
N LYS B 289 -21.88 -9.51 4.63
CA LYS B 289 -22.73 -9.19 5.77
C LYS B 289 -21.91 -8.60 6.91
N CYS B 290 -20.67 -9.07 7.12
CA CYS B 290 -19.81 -8.49 8.14
C CYS B 290 -19.55 -7.02 7.85
N LEU B 291 -19.20 -6.74 6.59
CA LEU B 291 -18.87 -5.39 6.18
C LEU B 291 -20.08 -4.48 6.39
N ILE B 292 -21.28 -4.98 6.10
CA ILE B 292 -22.51 -4.20 6.30
C ILE B 292 -22.64 -3.84 7.78
N GLU B 293 -22.37 -4.81 8.66
N GLU B 293 -22.38 -4.83 8.66
CA GLU B 293 -22.48 -4.62 10.10
CA GLU B 293 -22.46 -4.64 10.10
C GLU B 293 -21.40 -3.66 10.61
C GLU B 293 -21.40 -3.63 10.58
N LEU B 294 -20.20 -3.72 10.01
CA LEU B 294 -19.05 -3.00 10.54
C LEU B 294 -19.01 -1.53 10.11
N GLU B 295 -19.45 -1.25 8.87
CA GLU B 295 -19.33 0.10 8.32
C GLU B 295 -19.98 1.13 9.25
N PRO B 296 -21.21 0.90 9.78
CA PRO B 296 -21.82 1.80 10.76
C PRO B 296 -20.94 2.07 11.98
N VAL B 297 -20.29 1.01 12.50
CA VAL B 297 -19.47 1.12 13.69
C VAL B 297 -18.29 2.03 13.42
N LEU B 298 -17.68 1.90 12.23
CA LEU B 298 -16.51 2.70 11.89
C LEU B 298 -16.86 4.15 11.59
N ARG B 299 -18.12 4.42 11.22
CA ARG B 299 -18.57 5.79 10.96
C ARG B 299 -18.59 6.61 12.25
N THR B 300 -18.63 5.94 13.42
CA THR B 300 -18.68 6.64 14.69
C THR B 300 -17.34 7.27 15.06
N PHE B 301 -16.28 6.99 14.29
CA PHE B 301 -14.97 7.56 14.55
C PHE B 301 -14.61 8.53 13.43
N GLU B 302 -14.12 9.73 13.79
CA GLU B 302 -13.58 10.67 12.81
C GLU B 302 -12.21 10.20 12.34
N GLU B 303 -11.87 10.55 11.08
CA GLU B 303 -10.65 10.10 10.43
C GLU B 303 -9.40 10.47 11.23
N ILE B 304 -9.47 11.59 11.94
CA ILE B 304 -8.33 12.11 12.69
C ILE B 304 -8.08 11.25 13.94
N THR B 305 -9.11 10.59 14.48
CA THR B 305 -8.95 9.79 15.67
C THR B 305 -8.12 8.55 15.36
N PHE B 306 -8.22 8.02 14.13
CA PHE B 306 -7.38 6.91 13.71
C PHE B 306 -5.91 7.30 13.77
N LEU B 307 -5.60 8.52 13.29
CA LEU B 307 -4.22 8.98 13.23
C LEU B 307 -3.70 9.25 14.62
N GLU B 308 -4.57 9.77 15.50
CA GLU B 308 -4.23 10.02 16.88
C GLU B 308 -3.96 8.69 17.59
N ALA B 309 -4.72 7.65 17.25
CA ALA B 309 -4.54 6.33 17.85
C ALA B 309 -3.17 5.75 17.47
N VAL B 310 -2.80 5.91 16.20
CA VAL B 310 -1.53 5.42 15.68
C VAL B 310 -0.39 6.19 16.34
N ILE B 311 -0.50 7.51 16.38
CA ILE B 311 0.58 8.31 16.91
C ILE B 311 0.75 8.03 18.40
N GLN B 312 -0.34 7.80 19.14
CA GLN B 312 -0.25 7.49 20.56
C GLN B 312 0.41 6.13 20.78
N LEU B 313 0.16 5.16 19.88
CA LEU B 313 0.87 3.89 19.89
C LEU B 313 2.37 4.12 19.78
N LYS B 314 2.76 4.95 18.80
CA LYS B 314 4.16 5.12 18.47
C LYS B 314 4.87 5.95 19.55
N LYS B 315 4.16 6.91 20.14
CA LYS B 315 4.74 7.75 21.18
C LYS B 315 5.01 6.92 22.42
N THR B 316 3.99 6.18 22.90
CA THR B 316 4.13 5.36 24.09
C THR B 316 5.25 4.34 23.93
N LYS B 317 5.39 3.82 22.72
CA LYS B 317 6.34 2.75 22.43
C LYS B 317 7.77 3.26 22.55
N LEU B 318 7.95 4.58 22.43
CA LEU B 318 9.26 5.21 22.55
C LEU B 318 9.67 5.30 24.02
N GLN B 319 8.69 5.21 24.93
CA GLN B 319 8.90 5.24 26.38
C GLN B 319 9.50 6.60 26.79
C1 A1H90 C . -12.05 14.72 -4.19
C2 A1H90 C . -11.08 14.90 -3.07
C3 A1H90 C . -9.85 16.56 -4.46
C7 A1H90 C . -7.73 12.59 -6.56
C10 A1H90 C . -6.65 8.17 -7.71
C11 A1H90 C . -6.13 9.74 -9.27
C12 A1H90 C . -5.24 9.24 -11.56
C13 A1H90 C . -5.97 8.08 -11.83
C14 A1H90 C . -5.61 7.24 -12.86
C15 A1H90 C . -7.48 5.82 -12.49
C16 A1H90 C . -4.46 7.54 -13.60
C19 A1H90 C . -6.66 10.76 -8.41
C20 A1H90 C . -6.68 12.14 -8.70
C21 A1H90 C . -7.22 13.04 -7.83
C22 A1H90 C . -8.05 15.29 -7.35
C4 A1H90 C . -9.02 17.77 -4.11
C5 A1H90 C . -8.68 14.56 -3.61
C6 A1H90 C . -8.88 13.33 -4.47
N1 A1H90 C . -9.80 15.51 -3.44
O1 A1H90 C . -8.23 13.55 -5.74
C8 A1H90 C . -7.72 11.26 -6.26
C9 A1H90 C . -7.16 10.32 -7.17
N2 A1H90 C . -7.16 8.98 -6.83
N3 A1H90 C . -6.15 8.45 -8.93
N4 A1H90 C . -5.59 10.08 -10.47
O2 A1H90 C . -6.29 6.13 -13.21
CL1 A1H90 C . -4.00 6.47 -14.88
C17 A1H90 C . -3.70 8.64 -13.32
C18 A1H90 C . -4.09 9.48 -12.29
CL2 A1H90 C . -3.12 10.87 -11.92
O3 A1H90 C . -7.24 14.38 -8.11
C1 A1H90 D . 8.25 -6.43 15.43
C2 A1H90 D . 9.59 -6.53 14.79
C3 A1H90 D . 10.98 -7.04 12.93
C7 A1H90 D . 7.58 -8.66 10.02
C10 A1H90 D . 6.52 -8.98 5.46
C11 A1H90 D . 6.17 -10.88 6.67
C12 A1H90 D . 5.39 -12.97 5.62
C13 A1H90 D . 6.10 -12.91 4.41
C14 A1H90 D . 5.71 -13.68 3.33
C15 A1H90 D . 7.66 -13.15 2.06
C16 A1H90 D . 4.52 -14.42 3.42
C19 A1H90 D . 6.62 -10.20 7.86
C20 A1H90 D . 6.70 -10.76 9.17
C21 A1H90 D . 7.18 -10.02 10.22
C22 A1H90 D . 6.74 -11.70 11.86
C4 A1H90 D . 11.85 -8.17 13.46
C5 A1H90 D . 8.69 -6.27 12.56
C6 A1H90 D . 8.56 -6.75 11.14
N1 A1H90 D . 9.60 -7.05 13.41
O1 A1H90 D . 8.02 -8.06 11.15
C8 A1H90 D . 7.50 -8.11 8.77
C9 A1H90 D . 7.05 -8.87 7.67
N2 A1H90 D . 6.98 -8.25 6.45
N3 A1H90 D . 6.11 -10.26 5.49
N4 A1H90 D . 5.74 -12.17 6.72
O2 A1H90 D . 6.38 -13.77 2.16
CL1 A1H90 D . 3.98 -15.33 2.05
C17 A1H90 D . 3.76 -14.41 4.55
C18 A1H90 D . 4.17 -13.65 5.64
CL2 A1H90 D . 3.23 -13.68 7.08
O3 A1H90 D . 7.29 -10.42 11.52
#